data_7OKK
#
_entry.id   7OKK
#
_cell.length_a   67.351
_cell.length_b   67.351
_cell.length_c   164.498
_cell.angle_alpha   90.000
_cell.angle_beta   90.000
_cell.angle_gamma   120.000
#
_symmetry.space_group_name_H-M   'P 61 2 2'
#
loop_
_entity.id
_entity.type
_entity.pdbx_description
1 polymer 'B-cell lymphoma 6 protein'
2 polymer ALA-TRP-VAL-ILE-PRO-ALA
3 non-polymer 2-[[6-[(2-chloranyl-3-cyano-pyridin-4-yl)amino]-2-oxidanylidene-1H-quinolin-4-yl]amino]-N-methyl-ethanamide
4 non-polymer 1,2-ETHANEDIOL
5 non-polymer 'CHLORIDE ION'
6 water water
#
loop_
_entity_poly.entity_id
_entity_poly.type
_entity_poly.pdbx_seq_one_letter_code
_entity_poly.pdbx_strand_id
1 'polypeptide(L)'
;GPGADSCIQFTRHASDVLLNLNRLRSRDILTDVVIVVSREQFRAHKTVLMACSGLFYSIFTDQLKCNLSVINLDPEINPE
GFCILLDFMYTSRLNLREGNIMAVMATAMYLQMEHVVDTCRKFIKASE
;
A
2 'polypeptide(L)' AWVIPA B
#
loop_
_chem_comp.id
_chem_comp.type
_chem_comp.name
_chem_comp.formula
CL non-polymer 'CHLORIDE ION' 'Cl -1'
EDO non-polymer 1,2-ETHANEDIOL 'C2 H6 O2'
VH8 non-polymer 2-[[6-[(2-chloranyl-3-cyano-pyridin-4-yl)amino]-2-oxidanylidene-1H-quinolin-4-yl]amino]-N-methyl-ethanamide 'C18 H15 Cl N6 O2'
#
# COMPACT_ATOMS: atom_id res chain seq x y z
N SER A 6 20.03 -21.22 -14.69
CA SER A 6 21.22 -21.45 -13.86
C SER A 6 21.37 -20.47 -12.68
N CYS A 7 20.36 -19.63 -12.42
CA CYS A 7 20.42 -18.66 -11.32
CA CYS A 7 20.46 -18.67 -11.32
C CYS A 7 20.29 -19.34 -9.94
N ILE A 8 20.78 -18.68 -8.89
CA ILE A 8 20.59 -19.08 -7.50
C ILE A 8 19.71 -17.96 -6.93
N GLN A 9 18.95 -18.22 -5.87
CA GLN A 9 18.02 -17.24 -5.34
C GLN A 9 18.19 -17.00 -3.86
N PHE A 10 18.17 -15.74 -3.41
CA PHE A 10 18.29 -15.45 -1.97
C PHE A 10 16.84 -15.27 -1.52
N THR A 11 16.31 -16.27 -0.80
N THR A 11 16.35 -16.22 -0.73
CA THR A 11 14.93 -16.35 -0.33
CA THR A 11 14.95 -16.29 -0.35
C THR A 11 14.42 -15.08 0.38
C THR A 11 14.43 -15.07 0.39
N ARG A 12 15.21 -14.53 1.29
CA ARG A 12 14.82 -13.33 2.04
C ARG A 12 14.98 -12.00 1.32
N HIS A 13 15.52 -11.97 0.09
CA HIS A 13 15.79 -10.72 -0.62
C HIS A 13 14.58 -9.80 -0.73
N ALA A 14 13.46 -10.30 -1.28
CA ALA A 14 12.26 -9.47 -1.42
C ALA A 14 11.78 -8.87 -0.11
N SER A 15 11.72 -9.68 0.98
CA SER A 15 11.28 -9.14 2.26
C SER A 15 12.27 -8.13 2.83
N ASP A 16 13.56 -8.35 2.62
CA ASP A 16 14.59 -7.41 3.05
C ASP A 16 14.46 -6.09 2.33
N VAL A 17 14.18 -6.10 1.02
CA VAL A 17 14.03 -4.90 0.22
C VAL A 17 12.86 -4.10 0.74
N LEU A 18 11.71 -4.77 0.97
CA LEU A 18 10.52 -4.15 1.50
C LEU A 18 10.75 -3.54 2.88
N LEU A 19 11.53 -4.23 3.70
N LEU A 19 11.59 -4.22 3.66
CA LEU A 19 11.91 -3.78 5.04
CA LEU A 19 11.96 -3.79 5.00
C LEU A 19 12.66 -2.44 4.90
C LEU A 19 12.69 -2.45 4.92
N ASN A 20 13.59 -2.35 3.95
CA ASN A 20 14.37 -1.13 3.73
C ASN A 20 13.56 -0.02 3.12
N LEU A 21 12.65 -0.32 2.20
CA LEU A 21 11.74 0.69 1.64
C LEU A 21 10.88 1.28 2.76
N ASN A 22 10.46 0.43 3.73
CA ASN A 22 9.67 0.92 4.86
C ASN A 22 10.51 1.80 5.79
N ARG A 23 11.76 1.45 6.04
CA ARG A 23 12.67 2.28 6.82
C ARG A 23 12.87 3.63 6.12
N LEU A 24 12.95 3.64 4.76
CA LEU A 24 13.06 4.89 4.02
C LEU A 24 11.82 5.74 4.24
N ARG A 25 10.64 5.11 4.20
CA ARG A 25 9.38 5.81 4.42
C ARG A 25 9.32 6.45 5.84
N SER A 26 9.71 5.71 6.88
N SER A 26 9.71 5.70 6.88
CA SER A 26 9.68 6.23 8.24
CA SER A 26 9.70 6.21 8.26
C SER A 26 10.61 7.41 8.42
C SER A 26 10.60 7.42 8.40
N ARG A 27 11.77 7.38 7.78
CA ARG A 27 12.73 8.47 7.85
C ARG A 27 12.46 9.59 6.82
N ASP A 28 11.44 9.42 5.97
CA ASP A 28 11.03 10.34 4.94
C ASP A 28 12.10 10.51 3.85
N ILE A 29 12.85 9.44 3.56
CA ILE A 29 13.88 9.47 2.55
C ILE A 29 13.37 9.15 1.15
N LEU A 30 13.58 10.11 0.22
CA LEU A 30 13.22 10.01 -1.18
C LEU A 30 11.74 9.76 -1.42
N THR A 31 10.88 10.11 -0.46
CA THR A 31 9.42 10.08 -0.63
C THR A 31 9.12 11.22 -1.65
N ASP A 32 8.30 10.92 -2.64
CA ASP A 32 8.06 11.83 -3.75
C ASP A 32 6.59 12.15 -3.99
N VAL A 33 5.70 11.72 -3.10
CA VAL A 33 4.28 12.03 -3.23
C VAL A 33 3.64 12.10 -1.85
N VAL A 34 2.63 12.95 -1.71
CA VAL A 34 1.80 13.09 -0.52
C VAL A 34 0.40 12.66 -0.96
N ILE A 35 -0.19 11.72 -0.24
CA ILE A 35 -1.54 11.25 -0.51
C ILE A 35 -2.42 11.92 0.50
N VAL A 36 -3.40 12.71 0.04
CA VAL A 36 -4.29 13.42 0.93
C VAL A 36 -5.62 12.69 1.05
N VAL A 37 -5.94 12.31 2.27
CA VAL A 37 -7.16 11.56 2.55
C VAL A 37 -7.91 12.41 3.57
N SER A 38 -8.73 13.31 3.04
N SER A 38 -8.78 13.30 3.09
CA SER A 38 -9.49 14.26 3.84
CA SER A 38 -9.60 14.13 3.98
C SER A 38 -8.53 15.16 4.62
C SER A 38 -8.86 14.87 5.08
N ARG A 39 -8.63 15.20 5.93
N ARG A 39 -7.86 15.67 4.69
CA ARG A 39 -7.69 16.04 6.67
CA ARG A 39 -7.00 16.47 5.59
C ARG A 39 -6.25 15.48 6.80
C ARG A 39 -5.96 15.66 6.38
N GLU A 40 -6.04 14.21 6.48
N GLU A 40 -5.78 14.41 6.01
CA GLU A 40 -4.73 13.57 6.66
CA GLU A 40 -4.75 13.56 6.60
C GLU A 40 -3.80 13.47 5.46
C GLU A 40 -3.77 13.36 5.46
N GLN A 41 -2.50 13.59 5.71
CA GLN A 41 -1.49 13.49 4.66
C GLN A 41 -0.59 12.29 4.91
N PHE A 42 -0.26 11.55 3.87
CA PHE A 42 0.60 10.38 3.97
C PHE A 42 1.70 10.51 2.93
N ARG A 43 2.95 10.52 3.38
CA ARG A 43 4.08 10.57 2.46
C ARG A 43 4.42 9.14 2.05
N ALA A 44 4.67 8.93 0.76
CA ALA A 44 4.98 7.62 0.24
C ALA A 44 5.95 7.74 -1.01
N HIS A 45 6.36 6.57 -1.58
CA HIS A 45 7.15 6.44 -2.78
C HIS A 45 6.17 6.00 -3.86
N LYS A 46 6.11 6.72 -4.98
CA LYS A 46 5.22 6.42 -6.09
C LYS A 46 5.36 4.98 -6.57
N THR A 47 6.60 4.50 -6.72
CA THR A 47 6.84 3.14 -7.20
C THR A 47 6.27 2.08 -6.28
N VAL A 48 6.34 2.26 -4.95
CA VAL A 48 5.76 1.28 -4.03
C VAL A 48 4.23 1.29 -4.14
N LEU A 49 3.63 2.49 -4.27
CA LEU A 49 2.16 2.60 -4.42
C LEU A 49 1.69 1.89 -5.67
N MET A 50 2.38 2.10 -6.80
CA MET A 50 2.05 1.49 -8.10
C MET A 50 2.24 0.00 -8.04
N ALA A 51 3.32 -0.46 -7.43
CA ALA A 51 3.60 -1.88 -7.31
C ALA A 51 2.55 -2.63 -6.48
N CYS A 52 1.73 -1.90 -5.67
CA CYS A 52 0.74 -2.50 -4.77
C CYS A 52 -0.70 -2.24 -5.13
N SER A 53 -0.96 -1.22 -5.91
CA SER A 53 -2.32 -0.75 -6.15
C SER A 53 -2.60 -0.50 -7.62
N GLY A 54 -3.71 -1.04 -8.11
CA GLY A 54 -4.12 -0.79 -9.48
C GLY A 54 -4.48 0.66 -9.72
N LEU A 55 -5.07 1.32 -8.70
CA LEU A 55 -5.42 2.74 -8.81
C LEU A 55 -4.17 3.60 -8.94
N PHE A 56 -3.16 3.42 -8.04
CA PHE A 56 -1.92 4.19 -8.14
C PHE A 56 -1.12 3.83 -9.39
N TYR A 57 -1.22 2.56 -9.87
CA TYR A 57 -0.55 2.18 -11.12
C TYR A 57 -1.13 3.00 -12.29
N SER A 58 -2.46 3.17 -12.34
N SER A 58 -2.46 3.16 -12.33
CA SER A 58 -3.12 3.97 -13.36
CA SER A 58 -3.11 3.97 -13.35
C SER A 58 -2.79 5.46 -13.20
C SER A 58 -2.73 5.45 -13.19
N ILE A 59 -2.80 5.99 -11.97
CA ILE A 59 -2.48 7.40 -11.72
C ILE A 59 -1.04 7.77 -12.14
N PHE A 60 -0.07 7.00 -11.68
CA PHE A 60 1.33 7.35 -11.92
C PHE A 60 1.86 6.93 -13.29
N THR A 61 1.08 6.21 -14.10
CA THR A 61 1.43 5.98 -15.49
C THR A 61 0.69 6.97 -16.43
N ASP A 62 -0.21 7.81 -15.89
CA ASP A 62 -0.88 8.83 -16.66
C ASP A 62 0.16 9.94 -16.90
N GLN A 63 0.34 10.32 -18.17
CA GLN A 63 1.33 11.31 -18.58
C GLN A 63 1.26 12.64 -17.84
N LEU A 64 0.06 13.05 -17.35
CA LEU A 64 -0.12 14.29 -16.59
C LEU A 64 0.01 14.03 -15.08
N LYS A 65 -0.71 13.02 -14.54
CA LYS A 65 -0.69 12.77 -13.10
C LYS A 65 0.63 12.29 -12.58
N CYS A 66 1.44 11.62 -13.41
CA CYS A 66 2.76 11.12 -12.99
C CYS A 66 3.64 12.22 -12.39
N ASN A 67 3.43 13.48 -12.79
CA ASN A 67 4.21 14.63 -12.34
C ASN A 67 3.69 15.36 -11.11
N LEU A 68 2.56 14.92 -10.57
CA LEU A 68 1.97 15.55 -9.41
C LEU A 68 2.66 15.08 -8.15
N SER A 69 2.88 16.02 -7.21
CA SER A 69 3.49 15.72 -5.92
CA SER A 69 3.49 15.73 -5.92
C SER A 69 2.44 15.49 -4.82
N VAL A 70 1.14 15.77 -5.13
CA VAL A 70 0.01 15.61 -4.21
C VAL A 70 -1.12 14.92 -4.94
N ILE A 71 -1.68 13.87 -4.35
CA ILE A 71 -2.83 13.18 -4.94
C ILE A 71 -3.92 13.19 -3.89
N ASN A 72 -5.07 13.75 -4.22
CA ASN A 72 -6.19 13.80 -3.30
C ASN A 72 -7.12 12.65 -3.57
N LEU A 73 -7.40 11.85 -2.54
CA LEU A 73 -8.32 10.74 -2.73
C LEU A 73 -9.76 11.18 -2.54
N ASP A 74 -10.71 10.35 -2.99
CA ASP A 74 -12.14 10.60 -2.86
C ASP A 74 -12.50 10.86 -1.37
N PRO A 75 -13.29 11.92 -1.08
CA PRO A 75 -13.63 12.22 0.33
C PRO A 75 -14.33 11.08 1.08
N GLU A 76 -14.86 10.10 0.36
CA GLU A 76 -15.47 8.93 1.00
C GLU A 76 -14.41 7.99 1.61
N ILE A 77 -13.13 8.15 1.25
CA ILE A 77 -12.08 7.27 1.76
C ILE A 77 -11.71 7.60 3.21
N ASN A 78 -11.72 6.57 4.07
CA ASN A 78 -11.40 6.71 5.48
C ASN A 78 -9.89 6.73 5.69
N PRO A 79 -9.37 7.76 6.35
CA PRO A 79 -7.91 7.85 6.55
C PRO A 79 -7.29 6.70 7.34
N GLU A 80 -8.01 6.12 8.33
CA GLU A 80 -7.44 4.98 9.06
C GLU A 80 -7.33 3.78 8.12
N GLY A 81 -8.38 3.53 7.34
CA GLY A 81 -8.41 2.47 6.33
C GLY A 81 -7.25 2.60 5.35
N PHE A 82 -6.99 3.85 4.88
CA PHE A 82 -5.87 4.13 3.99
C PHE A 82 -4.56 3.86 4.72
N CYS A 83 -4.43 4.30 5.96
CA CYS A 83 -3.23 4.13 6.76
C CYS A 83 -2.84 2.66 6.92
N ILE A 84 -3.83 1.82 7.22
CA ILE A 84 -3.66 0.39 7.38
C ILE A 84 -3.23 -0.26 6.06
N LEU A 85 -3.79 0.21 4.93
CA LEU A 85 -3.42 -0.35 3.63
C LEU A 85 -2.00 0.11 3.19
N LEU A 86 -1.63 1.33 3.55
CA LEU A 86 -0.32 1.87 3.27
C LEU A 86 0.71 1.09 4.08
N ASP A 87 0.42 0.74 5.36
CA ASP A 87 1.32 -0.07 6.18
C ASP A 87 1.41 -1.47 5.57
N PHE A 88 0.28 -2.01 5.09
CA PHE A 88 0.29 -3.32 4.42
C PHE A 88 1.22 -3.29 3.19
N MET A 89 1.14 -2.25 2.36
CA MET A 89 1.96 -2.11 1.16
C MET A 89 3.44 -2.21 1.48
N TYR A 90 3.88 -1.58 2.56
CA TYR A 90 5.29 -1.55 2.93
C TYR A 90 5.70 -2.66 3.84
N THR A 91 4.78 -3.49 4.37
CA THR A 91 5.18 -4.52 5.33
C THR A 91 4.63 -5.93 5.11
N SER A 92 3.63 -6.11 4.24
N SER A 92 3.62 -6.09 4.25
CA SER A 92 2.92 -7.38 3.99
CA SER A 92 2.88 -7.33 4.00
C SER A 92 1.96 -7.74 5.13
C SER A 92 1.94 -7.70 5.18
N ARG A 93 1.91 -6.95 6.21
N ARG A 93 1.89 -6.88 6.24
CA ARG A 93 1.05 -7.21 7.35
CA ARG A 93 1.06 -7.11 7.41
C ARG A 93 -0.13 -6.25 7.33
C ARG A 93 -0.15 -6.21 7.36
N LEU A 94 -1.34 -6.81 7.41
CA LEU A 94 -2.58 -6.08 7.39
C LEU A 94 -3.19 -6.09 8.81
N ASN A 95 -3.36 -4.90 9.42
CA ASN A 95 -3.95 -4.84 10.75
C ASN A 95 -5.48 -4.85 10.61
N LEU A 96 -6.04 -6.04 10.37
CA LEU A 96 -7.47 -6.20 10.17
C LEU A 96 -8.18 -6.48 11.48
N ARG A 97 -9.15 -5.65 11.86
CA ARG A 97 -9.92 -5.79 13.10
C ARG A 97 -11.42 -5.60 12.81
N GLU A 98 -12.28 -6.02 13.74
CA GLU A 98 -13.72 -5.91 13.59
C GLU A 98 -14.18 -4.45 13.45
N GLY A 99 -13.49 -3.55 14.14
CA GLY A 99 -13.83 -2.13 14.11
C GLY A 99 -13.33 -1.41 12.87
N ASN A 100 -12.45 -2.02 12.07
CA ASN A 100 -11.91 -1.36 10.87
C ASN A 100 -12.15 -2.11 9.54
N ILE A 101 -12.65 -3.36 9.59
CA ILE A 101 -12.76 -4.22 8.41
C ILE A 101 -13.59 -3.63 7.27
N MET A 102 -14.72 -2.97 7.56
CA MET A 102 -15.53 -2.37 6.49
C MET A 102 -14.79 -1.25 5.78
N ALA A 103 -14.12 -0.37 6.54
CA ALA A 103 -13.34 0.74 5.96
C ALA A 103 -12.13 0.23 5.20
N VAL A 104 -11.50 -0.86 5.72
CA VAL A 104 -10.35 -1.45 5.06
C VAL A 104 -10.78 -2.04 3.73
N MET A 105 -11.91 -2.77 3.72
CA MET A 105 -12.40 -3.38 2.49
C MET A 105 -12.80 -2.37 1.45
N ALA A 106 -13.58 -1.32 1.83
CA ALA A 106 -13.97 -0.29 0.89
C ALA A 106 -12.75 0.43 0.32
N THR A 107 -11.72 0.65 1.15
CA THR A 107 -10.49 1.31 0.69
C THR A 107 -9.71 0.42 -0.27
N ALA A 108 -9.62 -0.90 0.00
CA ALA A 108 -8.91 -1.83 -0.89
C ALA A 108 -9.61 -1.93 -2.24
N MET A 109 -10.94 -1.84 -2.28
CA MET A 109 -11.69 -1.89 -3.54
C MET A 109 -11.39 -0.65 -4.39
N TYR A 110 -11.35 0.51 -3.76
CA TYR A 110 -11.04 1.78 -4.38
C TYR A 110 -9.59 1.78 -4.87
N LEU A 111 -8.65 1.29 -4.03
CA LEU A 111 -7.25 1.25 -4.42
C LEU A 111 -6.92 0.11 -5.40
N GLN A 112 -7.85 -0.83 -5.59
CA GLN A 112 -7.71 -2.02 -6.41
C GLN A 112 -6.61 -2.90 -5.83
N MET A 113 -6.89 -3.53 -4.70
CA MET A 113 -5.94 -4.42 -4.05
C MET A 113 -6.71 -5.69 -3.77
N GLU A 114 -6.86 -6.52 -4.82
CA GLU A 114 -7.66 -7.74 -4.83
C GLU A 114 -7.40 -8.70 -3.71
N HIS A 115 -6.14 -8.91 -3.33
CA HIS A 115 -5.82 -9.84 -2.26
C HIS A 115 -6.40 -9.38 -0.92
N VAL A 116 -6.35 -8.08 -0.65
CA VAL A 116 -6.90 -7.54 0.58
C VAL A 116 -8.43 -7.66 0.54
N VAL A 117 -9.05 -7.36 -0.62
CA VAL A 117 -10.49 -7.50 -0.79
C VAL A 117 -10.93 -8.94 -0.52
N ASP A 118 -10.19 -9.91 -1.06
CA ASP A 118 -10.50 -11.33 -0.83
C ASP A 118 -10.45 -11.69 0.64
N THR A 119 -9.38 -11.33 1.36
CA THR A 119 -9.27 -11.70 2.78
C THR A 119 -10.36 -11.01 3.61
N CYS A 120 -10.73 -9.76 3.25
CA CYS A 120 -11.77 -9.02 3.95
C CYS A 120 -13.12 -9.70 3.78
N ARG A 121 -13.41 -10.15 2.55
CA ARG A 121 -14.64 -10.88 2.23
C ARG A 121 -14.74 -12.16 3.05
N LYS A 122 -13.64 -12.91 3.16
CA LYS A 122 -13.63 -14.15 3.93
C LYS A 122 -13.85 -13.92 5.44
N PHE A 123 -13.21 -12.88 6.02
CA PHE A 123 -13.39 -12.59 7.44
C PHE A 123 -14.82 -12.11 7.73
N ILE A 124 -15.48 -11.45 6.74
CA ILE A 124 -16.87 -10.99 6.86
C ILE A 124 -17.83 -12.18 6.77
N LYS A 125 -17.65 -13.06 5.77
CA LYS A 125 -18.49 -14.23 5.60
C LYS A 125 -18.48 -15.15 6.82
N ALA A 126 -17.31 -15.34 7.42
CA ALA A 126 -17.15 -16.19 8.60
C ALA A 126 -17.87 -15.65 9.84
N SER A 127 -18.08 -14.33 9.92
CA SER A 127 -18.74 -13.74 11.08
C SER A 127 -20.27 -13.56 10.91
N GLU A 128 -20.83 -13.84 9.71
CA GLU A 128 -22.26 -13.70 9.48
CA ALA B 1 19.76 -18.47 2.62
C ALA B 1 19.58 -18.50 1.11
N TRP B 2 20.48 -19.19 0.42
CA TRP B 2 20.43 -19.29 -1.03
C TRP B 2 19.88 -20.64 -1.42
N VAL B 3 19.06 -20.67 -2.47
CA VAL B 3 18.43 -21.91 -2.94
C VAL B 3 18.45 -21.99 -4.49
N ILE B 4 18.11 -23.19 -5.03
CA ILE B 4 17.93 -23.34 -6.47
C ILE B 4 16.45 -23.00 -6.67
N PRO B 5 16.13 -21.91 -7.39
CA PRO B 5 14.72 -21.51 -7.52
C PRO B 5 13.83 -22.45 -8.34
N ALA B 6 12.55 -22.56 -7.97
C10 VH8 C . -2.99 -4.16 -9.48
C10 VH8 C . -3.02 -4.06 -9.36
C10 VH8 C . -2.97 -4.21 -9.49
C13 VH8 C . -5.32 -4.96 -9.44
C13 VH8 C . -5.35 -4.83 -9.29
C13 VH8 C . -5.29 -5.03 -9.46
C14 VH8 C . -5.13 -5.49 -8.12
C14 VH8 C . -5.14 -5.42 -7.99
C14 VH8 C . -5.13 -5.49 -8.11
CL VH8 C . 4.49 -2.88 -13.67
C VH8 C . 2.95 -3.46 -13.11
C4 VH8 C . 2.44 -2.96 -11.93
C5 VH8 C . 3.12 -1.96 -11.16
N1 VH8 C . 3.71 -1.16 -10.61
C3 VH8 C . 1.19 -3.48 -11.51
C2 VH8 C . 0.58 -4.44 -12.30
C1 VH8 C . 1.21 -4.85 -13.45
N VH8 C . 2.38 -4.38 -13.87
N2 VH8 C . 0.46 -3.05 -10.27
C6 VH8 C . -0.67 -3.46 -9.47
C6 VH8 C . -0.69 -3.43 -9.41
C6 VH8 C . -0.67 -3.46 -9.47
C11 VH8 C . -1.91 -3.53 -10.09
C11 VH8 C . -1.94 -3.44 -10.00
C11 VH8 C . -1.89 -3.59 -10.12
C12 VH8 C . -4.31 -4.32 -10.11
C12 VH8 C . -4.35 -4.17 -9.96
C12 VH8 C . -4.27 -4.42 -10.14
N4 VH8 C . -4.43 -3.80 -11.39
N4 VH8 C . -4.54 -3.56 -11.19
N4 VH8 C . -4.35 -4.07 -11.48
C15 VH8 C . -5.71 -3.58 -12.04
C15 VH8 C . -3.82 -3.96 -12.39
C15 VH8 C . -4.79 -2.78 -11.94
C16 VH8 C . -6.35 -4.85 -12.55
C16 VH8 C . -3.44 -2.79 -13.27
C16 VH8 C . -3.87 -2.18 -12.99
O1 VH8 C . -5.70 -5.87 -12.74
O1 VH8 C . -3.87 -1.66 -13.04
O1 VH8 C . -3.06 -2.88 -13.60
O VH8 C . -6.03 -6.05 -7.48
O VH8 C . -6.02 -6.02 -7.37
O VH8 C . -6.03 -6.03 -7.46
N3 VH8 C . -3.89 -5.34 -7.57
N3 VH8 C . -3.89 -5.28 -7.47
N3 VH8 C . -3.89 -5.29 -7.54
C9 VH8 C . -2.82 -4.70 -8.19
C9 VH8 C . -2.83 -4.63 -8.10
C9 VH8 C . -2.83 -4.67 -8.17
C8 VH8 C . -1.59 -4.59 -7.56
C8 VH8 C . -1.57 -4.56 -7.48
C8 VH8 C . -1.61 -4.51 -7.52
C7 VH8 C . -0.53 -3.98 -8.18
C7 VH8 C . -0.52 -3.97 -8.14
C7 VH8 C . -0.54 -3.91 -8.16
N5 VH8 C . -2.64 -3.05 -14.29
N5 VH8 C . -3.99 -0.87 -13.20
C1 EDO D . -6.84 15.92 -8.50
O1 EDO D . -6.15 17.15 -8.23
C2 EDO D . -5.90 14.75 -8.20
O2 EDO D . -5.34 14.96 -6.93
C1 EDO E . -18.42 -6.69 10.28
O1 EDO E . -17.98 -5.65 11.11
C2 EDO E . -17.45 -7.88 10.40
O2 EDO E . -17.89 -8.93 9.57
C1 EDO F . -5.20 7.96 10.36
O1 EDO F . -4.41 9.00 9.84
C2 EDO F . -4.30 7.05 11.21
O2 EDO F . -4.99 5.87 11.56
CL CL G . -3.30 -6.74 -2.47
#